data_7PS5
#
_entry.id   7PS5
#
_cell.length_a   78.101
_cell.length_b   114.409
_cell.length_c   168.972
_cell.angle_alpha   90.000
_cell.angle_beta   90.000
_cell.angle_gamma   90.000
#
_symmetry.space_group_name_H-M   'P 21 21 21'
#
loop_
_entity.id
_entity.type
_entity.pdbx_description
1 polymer 'Beta-47 Fab heavy chain'
2 polymer 'Beta-47 Fab light chain'
3 polymer 'Spike protein S1'
4 branched alpha-D-mannopyranose-(1-3)-[alpha-D-mannopyranose-(1-6)]beta-D-mannopyranose-(1-4)-2-acetamido-2-deoxy-beta-D-glucopyranose-(1-4)-[alpha-L-fucopyranose-(1-6)]2-acetamido-2-deoxy-beta-D-glucopyranose
5 branched alpha-D-mannopyranose-(1-6)-beta-D-mannopyranose-(1-3)-2-acetamido-2-deoxy-beta-D-glucopyranose-(1-4)-[alpha-L-fucopyranose-(1-6)]2-acetamido-2-deoxy-beta-D-glucopyranose
#
loop_
_entity_poly.entity_id
_entity_poly.type
_entity_poly.pdbx_seq_one_letter_code
_entity_poly.pdbx_strand_id
1 'polypeptide(L)'
;QVQLVESGPEMKKPGTSVKVSCKASGFTFITSAVQWVRQARGQRLEWMGWIAVGSGNTNYAQKFQDRVTINRDMSTSTAY
MELSSLRSEDTAVYYCAAPHCNRTSCHDGFDIWGQGTMVTVSSASTKGPSVFPLAPSSKSTSGGTAALGCLVKDYFPEPV
TVSWNSGALTSGVHTFPAVLQSSGLYSLSSVVTVPSSSLGTQTYICNVNHKPSNTKVDKKVEPKSCDK
;
H
2 'polypeptide(L)'
;EIVLTQSPGTLSLSPGERATLSCRASQSVSRNYLAWYQQKPGQVPRLLIYGASSRATGIPDRFRGSGSGTDFTLTINRLE
SEDFAVYYCQQYGSSLFTFGPGTKVDIKRTVAAPSVFIFPPSDEQLKSGTASVVCLLNNFYPREAKVQWKVDNALQSGNS
QESVTEQDSKDSTYSLSSTLTLSKADYEKHKVYACEVTHQGLSSPVTKSFNRGEC
;
L
3 'polypeptide(L)'
;MGCVAETGHHHHHHTNLCPFGEVFNATRFASVYAWNRKRISNCVADYSVLYNSASFSTFKCYGVSPTKLNDLCFTNVYAD
SFVIRGDEVRQIAPGQTGNIADYNYKLPDDFTGCVIAWNSNNLDSKVGGNYNYLYRLFRKSNLKPFERDISTEIYQAGST
PCNGVKGFNCYFPLQSYGFQPTYGVGYQPYRVVVLSFELLHAPATVCGKK
;
E
#
# COMPACT_ATOMS: atom_id res chain seq x y z
N GLN A 1 18.28 9.03 2.52
CA GLN A 1 17.72 7.70 2.29
C GLN A 1 16.25 7.63 2.73
N VAL A 2 15.38 8.25 1.95
CA VAL A 2 13.95 8.23 2.24
C VAL A 2 13.41 6.83 1.90
N GLN A 3 13.12 6.04 2.92
CA GLN A 3 12.80 4.63 2.75
C GLN A 3 11.47 4.30 3.39
N LEU A 4 10.91 3.17 2.96
CA LEU A 4 9.65 2.64 3.52
C LEU A 4 9.70 1.13 3.38
N VAL A 5 9.87 0.43 4.50
CA VAL A 5 10.12 -1.01 4.52
C VAL A 5 8.94 -1.72 5.18
N GLU A 6 8.51 -2.82 4.58
CA GLU A 6 7.33 -3.55 5.01
C GLU A 6 7.72 -4.91 5.61
N SER A 7 6.69 -5.66 6.00
CA SER A 7 6.88 -6.98 6.58
C SER A 7 7.39 -7.97 5.54
N GLY A 8 7.69 -9.17 6.01
CA GLY A 8 8.06 -10.26 5.13
C GLY A 8 6.83 -10.97 4.60
N PRO A 9 7.04 -12.04 3.83
CA PRO A 9 5.91 -12.79 3.28
C PRO A 9 5.08 -13.42 4.38
N GLU A 10 3.78 -13.38 4.21
CA GLU A 10 2.83 -13.95 5.16
C GLU A 10 2.04 -15.04 4.47
N MET A 11 1.74 -16.11 5.21
CA MET A 11 0.92 -17.21 4.71
C MET A 11 -0.01 -17.64 5.84
N LYS A 12 -1.24 -17.17 5.79
CA LYS A 12 -2.23 -17.41 6.84
C LYS A 12 -3.34 -18.30 6.32
N LYS A 13 -3.79 -19.22 7.18
CA LYS A 13 -4.94 -20.05 6.85
C LYS A 13 -6.18 -19.18 6.69
N PRO A 14 -7.19 -19.66 5.95
CA PRO A 14 -8.40 -18.86 5.76
C PRO A 14 -9.16 -18.68 7.08
N GLY A 15 -9.64 -17.46 7.28
CA GLY A 15 -10.41 -17.10 8.46
C GLY A 15 -9.60 -16.41 9.55
N THR A 16 -8.28 -16.39 9.45
CA THR A 16 -7.43 -15.79 10.47
C THR A 16 -7.19 -14.32 10.11
N SER A 17 -6.20 -13.70 10.76
CA SER A 17 -5.87 -12.31 10.51
C SER A 17 -4.39 -12.20 10.15
N VAL A 18 -4.06 -11.10 9.48
CA VAL A 18 -2.68 -10.78 9.14
C VAL A 18 -2.46 -9.30 9.44
N LYS A 19 -1.30 -8.99 10.02
CA LYS A 19 -0.93 -7.61 10.36
C LYS A 19 0.39 -7.32 9.66
N VAL A 20 0.36 -6.45 8.66
CA VAL A 20 1.53 -6.11 7.85
C VAL A 20 2.15 -4.83 8.38
N SER A 21 3.46 -4.86 8.59
CA SER A 21 4.19 -3.70 9.06
C SER A 21 4.61 -2.81 7.90
N CYS A 22 4.96 -1.57 8.22
CA CYS A 22 5.41 -0.59 7.23
C CYS A 22 6.17 0.50 7.99
N LYS A 23 7.48 0.32 8.10
CA LYS A 23 8.33 1.23 8.87
C LYS A 23 8.93 2.29 7.96
N ALA A 24 9.01 3.52 8.48
CA ALA A 24 9.49 4.67 7.73
C ALA A 24 10.92 5.04 8.17
N SER A 25 11.62 5.72 7.26
CA SER A 25 12.97 6.18 7.52
C SER A 25 13.29 7.32 6.56
N GLY A 26 14.15 8.22 7.00
CA GLY A 26 14.63 9.30 6.16
C GLY A 26 13.83 10.58 6.23
N PHE A 27 12.59 10.53 6.71
CA PHE A 27 11.73 11.70 6.79
C PHE A 27 11.01 11.72 8.12
N THR A 28 10.37 12.85 8.42
CA THR A 28 9.62 13.01 9.66
C THR A 28 8.27 12.31 9.51
N PHE A 29 8.10 11.22 10.24
CA PHE A 29 6.91 10.39 10.12
C PHE A 29 5.67 11.12 10.60
N ILE A 30 5.83 12.00 11.60
CA ILE A 30 4.72 12.57 12.35
C ILE A 30 3.70 13.27 11.47
N THR A 31 4.14 13.91 10.38
CA THR A 31 3.31 14.86 9.67
C THR A 31 2.73 14.35 8.35
N SER A 32 3.24 13.26 7.79
CA SER A 32 2.72 12.75 6.53
C SER A 32 1.48 11.88 6.75
N ALA A 33 1.23 10.96 5.82
CA ALA A 33 0.10 10.05 5.90
C ALA A 33 0.42 8.80 5.10
N VAL A 34 -0.11 7.67 5.55
CA VAL A 34 0.20 6.36 4.97
C VAL A 34 -1.08 5.78 4.37
N GLN A 35 -1.02 5.41 3.09
CA GLN A 35 -2.11 4.71 2.43
C GLN A 35 -1.71 3.26 2.16
N TRP A 36 -2.71 2.39 2.03
CA TRP A 36 -2.51 0.97 1.80
C TRP A 36 -3.19 0.56 0.51
N VAL A 37 -2.42 -0.08 -0.37
CA VAL A 37 -2.90 -0.52 -1.68
C VAL A 37 -2.50 -1.98 -1.86
N ARG A 38 -3.46 -2.83 -2.26
CA ARG A 38 -3.19 -4.22 -2.57
C ARG A 38 -3.32 -4.45 -4.07
N GLN A 39 -2.69 -5.52 -4.55
CA GLN A 39 -2.68 -5.82 -5.97
C GLN A 39 -2.58 -7.32 -6.15
N ALA A 40 -3.68 -7.95 -6.57
CA ALA A 40 -3.66 -9.37 -6.86
C ALA A 40 -2.69 -9.66 -8.01
N ARG A 41 -2.26 -10.91 -8.10
CA ARG A 41 -1.29 -11.31 -9.10
C ARG A 41 -1.80 -11.03 -10.51
N GLY A 42 -1.22 -10.02 -11.16
CA GLY A 42 -1.61 -9.65 -12.50
C GLY A 42 -2.85 -8.78 -12.60
N GLN A 43 -3.32 -8.21 -11.50
CA GLN A 43 -4.50 -7.37 -11.50
C GLN A 43 -4.11 -5.91 -11.33
N ARG A 44 -5.11 -5.05 -11.20
CA ARG A 44 -4.88 -3.62 -11.05
C ARG A 44 -4.62 -3.26 -9.60
N LEU A 45 -4.25 -2.01 -9.38
CA LEU A 45 -4.09 -1.49 -8.03
C LEU A 45 -5.46 -1.28 -7.40
N GLU A 46 -5.59 -1.70 -6.14
CA GLU A 46 -6.85 -1.61 -5.40
C GLU A 46 -6.60 -0.84 -4.12
N TRP A 47 -7.21 0.35 -4.01
CA TRP A 47 -7.00 1.19 -2.83
C TRP A 47 -7.82 0.68 -1.66
N MET A 48 -7.17 0.49 -0.52
CA MET A 48 -7.83 0.00 0.69
C MET A 48 -8.19 1.14 1.63
N GLY A 49 -7.19 1.84 2.16
CA GLY A 49 -7.45 2.93 3.08
C GLY A 49 -6.20 3.76 3.29
N TRP A 50 -6.34 4.76 4.15
CA TRP A 50 -5.22 5.62 4.48
C TRP A 50 -5.40 6.14 5.90
N ILE A 51 -4.30 6.59 6.49
CA ILE A 51 -4.30 7.09 7.86
C ILE A 51 -3.41 8.32 7.92
N ALA A 52 -3.86 9.36 8.62
CA ALA A 52 -3.04 10.52 8.89
C ALA A 52 -2.19 10.22 10.14
N VAL A 53 -0.88 10.36 10.00
CA VAL A 53 0.02 9.92 11.08
C VAL A 53 -0.21 10.74 12.34
N GLY A 54 -0.32 12.07 12.19
CA GLY A 54 -0.44 12.91 13.37
C GLY A 54 -1.71 12.67 14.15
N SER A 55 -2.85 12.71 13.48
CA SER A 55 -4.13 12.58 14.15
C SER A 55 -4.54 11.12 14.36
N GLY A 56 -4.05 10.21 13.53
CA GLY A 56 -4.52 8.85 13.56
C GLY A 56 -5.83 8.62 12.86
N ASN A 57 -6.42 9.66 12.26
CA ASN A 57 -7.69 9.51 11.57
C ASN A 57 -7.55 8.59 10.38
N THR A 58 -8.55 7.75 10.16
CA THR A 58 -8.53 6.74 9.12
C THR A 58 -9.72 6.92 8.19
N ASN A 59 -9.54 6.46 6.95
CA ASN A 59 -10.62 6.38 5.98
C ASN A 59 -10.44 5.09 5.19
N TYR A 60 -11.52 4.32 5.05
CA TYR A 60 -11.48 3.00 4.43
C TYR A 60 -12.49 2.89 3.29
N ALA A 61 -12.09 2.17 2.24
CA ALA A 61 -13.00 1.91 1.14
C ALA A 61 -14.16 1.03 1.59
N GLN A 62 -15.23 1.04 0.79
CA GLN A 62 -16.43 0.27 1.13
C GLN A 62 -16.12 -1.22 1.23
N LYS A 63 -15.31 -1.75 0.31
CA LYS A 63 -15.05 -3.19 0.29
C LYS A 63 -14.34 -3.67 1.55
N PHE A 64 -13.55 -2.81 2.19
CA PHE A 64 -12.68 -3.22 3.28
C PHE A 64 -13.08 -2.64 4.63
N GLN A 65 -14.25 -1.98 4.71
CA GLN A 65 -14.68 -1.42 5.98
C GLN A 65 -14.93 -2.50 7.02
N ASP A 66 -15.27 -3.72 6.58
CA ASP A 66 -15.66 -4.76 7.51
C ASP A 66 -14.47 -5.41 8.21
N ARG A 67 -13.32 -5.53 7.53
CA ARG A 67 -12.25 -6.39 8.00
C ARG A 67 -10.89 -5.72 8.13
N VAL A 68 -10.76 -4.44 7.79
CA VAL A 68 -9.47 -3.77 7.75
C VAL A 68 -9.43 -2.65 8.79
N THR A 69 -8.32 -2.57 9.52
CA THR A 69 -8.10 -1.52 10.50
C THR A 69 -6.65 -1.06 10.39
N ILE A 70 -6.46 0.21 10.03
CA ILE A 70 -5.13 0.80 9.89
C ILE A 70 -4.81 1.59 11.14
N ASN A 71 -3.65 1.30 11.74
CA ASN A 71 -3.18 2.05 12.91
C ASN A 71 -1.74 2.48 12.67
N ARG A 72 -1.16 3.18 13.65
CA ARG A 72 0.22 3.58 13.58
C ARG A 72 0.78 3.70 14.99
N ASP A 73 2.10 3.61 15.09
CA ASP A 73 2.81 3.77 16.37
C ASP A 73 3.98 4.70 16.10
N MET A 74 3.81 5.98 16.47
CA MET A 74 4.79 7.00 16.14
C MET A 74 6.06 6.89 16.97
N SER A 75 6.07 6.09 18.04
CA SER A 75 7.30 5.85 18.77
C SER A 75 8.26 4.99 17.96
N THR A 76 7.74 3.99 17.27
CA THR A 76 8.52 3.17 16.36
C THR A 76 8.41 3.61 14.92
N SER A 77 7.70 4.71 14.65
CA SER A 77 7.55 5.28 13.31
C SER A 77 7.09 4.22 12.31
N THR A 78 6.15 3.37 12.73
CA THR A 78 5.65 2.28 11.91
C THR A 78 4.13 2.33 11.86
N ALA A 79 3.57 2.21 10.66
CA ALA A 79 2.14 2.05 10.47
C ALA A 79 1.82 0.60 10.17
N TYR A 80 0.65 0.16 10.61
CA TYR A 80 0.25 -1.23 10.47
C TYR A 80 -1.10 -1.32 9.78
N MET A 81 -1.31 -2.41 9.05
CA MET A 81 -2.61 -2.73 8.47
C MET A 81 -2.99 -4.14 8.90
N GLU A 82 -4.16 -4.27 9.49
CA GLU A 82 -4.66 -5.56 9.97
C GLU A 82 -5.88 -5.96 9.15
N LEU A 83 -5.84 -7.15 8.57
CA LEU A 83 -6.93 -7.69 7.77
C LEU A 83 -7.42 -8.97 8.44
N SER A 84 -8.59 -8.90 9.05
CA SER A 84 -9.18 -10.05 9.72
C SER A 84 -10.10 -10.81 8.77
N SER A 85 -10.48 -12.02 9.17
CA SER A 85 -11.35 -12.90 8.40
C SER A 85 -10.81 -13.09 6.97
N LEU A 86 -9.58 -13.60 6.91
CA LEU A 86 -8.90 -13.77 5.64
C LEU A 86 -9.56 -14.87 4.80
N ARG A 87 -9.37 -14.77 3.49
CA ARG A 87 -9.92 -15.75 2.56
C ARG A 87 -9.09 -15.74 1.28
N SER A 88 -9.36 -16.74 0.42
CA SER A 88 -8.53 -16.94 -0.77
C SER A 88 -8.54 -15.72 -1.69
N GLU A 89 -9.60 -14.93 -1.67
CA GLU A 89 -9.67 -13.75 -2.51
C GLU A 89 -8.73 -12.64 -2.04
N ASP A 90 -8.32 -12.68 -0.77
CA ASP A 90 -7.41 -11.68 -0.24
C ASP A 90 -5.96 -11.91 -0.66
N THR A 91 -5.65 -13.05 -1.28
CA THR A 91 -4.28 -13.38 -1.66
C THR A 91 -3.75 -12.39 -2.70
N ALA A 92 -2.82 -11.53 -2.30
CA ALA A 92 -2.32 -10.46 -3.16
C ALA A 92 -1.03 -9.92 -2.56
N VAL A 93 -0.53 -8.84 -3.14
CA VAL A 93 0.64 -8.12 -2.64
C VAL A 93 0.17 -6.78 -2.07
N TYR A 94 0.58 -6.48 -0.85
CA TYR A 94 0.09 -5.31 -0.12
C TYR A 94 1.20 -4.27 -0.02
N TYR A 95 0.92 -3.05 -0.47
CA TYR A 95 1.87 -1.95 -0.49
C TYR A 95 1.43 -0.84 0.45
N CYS A 96 2.41 -0.07 0.94
CA CYS A 96 2.14 1.14 1.72
C CYS A 96 2.87 2.31 1.08
N ALA A 97 2.21 3.46 1.04
CA ALA A 97 2.78 4.65 0.41
C ALA A 97 2.57 5.85 1.31
N ALA A 98 3.46 6.83 1.19
CA ALA A 98 3.43 8.02 2.03
C ALA A 98 4.20 9.13 1.33
N PRO A 99 3.83 10.39 1.54
CA PRO A 99 4.63 11.49 1.03
C PRO A 99 5.81 11.80 1.94
N HIS A 100 6.92 12.19 1.33
CA HIS A 100 8.09 12.64 2.07
C HIS A 100 7.83 14.05 2.60
N CYS A 101 7.99 14.24 3.91
CA CYS A 101 7.73 15.52 4.54
C CYS A 101 8.84 15.84 5.54
N ASN A 102 8.94 17.13 5.88
CA ASN A 102 9.79 17.57 6.97
C ASN A 102 8.90 18.05 8.13
N ARG A 103 9.46 18.89 9.00
CA ARG A 103 8.73 19.30 10.19
C ARG A 103 7.47 20.10 9.89
N THR A 104 7.36 20.67 8.68
CA THR A 104 6.26 21.61 8.43
C THR A 104 5.53 21.40 7.11
N SER A 105 6.22 20.92 6.08
CA SER A 105 5.64 20.82 4.74
C SER A 105 5.74 19.38 4.22
N CYS A 106 4.84 19.05 3.29
CA CYS A 106 4.76 17.72 2.71
C CYS A 106 4.85 17.78 1.19
N HIS A 107 5.18 16.64 0.60
CA HIS A 107 5.03 16.48 -0.84
C HIS A 107 3.55 16.37 -1.18
N ASP A 108 3.19 16.86 -2.37
CA ASP A 108 1.78 16.85 -2.79
C ASP A 108 1.31 15.49 -3.29
N GLY A 109 2.07 14.43 -3.08
CA GLY A 109 1.67 13.12 -3.54
C GLY A 109 2.44 12.03 -2.84
N PHE A 110 1.98 10.79 -3.05
CA PHE A 110 2.62 9.62 -2.45
C PHE A 110 3.82 9.22 -3.30
N ASP A 111 4.98 9.77 -2.96
CA ASP A 111 6.20 9.49 -3.69
C ASP A 111 7.06 8.41 -3.05
N ILE A 112 6.77 8.00 -1.82
CA ILE A 112 7.53 6.97 -1.12
C ILE A 112 6.67 5.72 -1.05
N TRP A 113 7.19 4.61 -1.57
CA TRP A 113 6.46 3.35 -1.66
C TRP A 113 7.26 2.22 -1.01
N GLY A 114 6.54 1.27 -0.41
CA GLY A 114 7.17 0.10 0.17
C GLY A 114 7.48 -0.96 -0.86
N GLN A 115 8.24 -1.98 -0.44
CA GLN A 115 8.69 -3.01 -1.37
C GLN A 115 7.62 -4.07 -1.65
N GLY A 116 6.60 -4.15 -0.81
CA GLY A 116 5.53 -5.10 -1.05
C GLY A 116 5.57 -6.26 -0.07
N THR A 117 4.38 -6.75 0.29
CA THR A 117 4.24 -7.87 1.22
C THR A 117 3.29 -8.89 0.61
N MET A 118 3.79 -10.10 0.36
CA MET A 118 2.99 -11.16 -0.24
C MET A 118 2.20 -11.89 0.84
N VAL A 119 0.88 -11.83 0.74
CA VAL A 119 -0.02 -12.52 1.66
C VAL A 119 -0.73 -13.61 0.88
N THR A 120 -0.60 -14.85 1.36
CA THR A 120 -1.16 -16.02 0.69
C THR A 120 -2.12 -16.72 1.64
N VAL A 121 -3.36 -16.91 1.20
CA VAL A 121 -4.40 -17.53 2.01
C VAL A 121 -4.87 -18.78 1.29
N SER A 122 -4.75 -19.94 1.95
CA SER A 122 -5.15 -21.20 1.33
C SER A 122 -5.23 -22.27 2.41
N SER A 123 -6.29 -23.08 2.35
CA SER A 123 -6.44 -24.18 3.28
C SER A 123 -5.51 -25.34 2.98
N ALA A 124 -5.14 -25.52 1.70
CA ALA A 124 -4.37 -26.67 1.29
C ALA A 124 -2.95 -26.62 1.87
N SER A 125 -2.41 -27.79 2.15
CA SER A 125 -1.05 -27.92 2.66
C SER A 125 -0.06 -27.93 1.51
N THR A 126 1.21 -28.13 1.85
CA THR A 126 2.25 -28.22 0.82
C THR A 126 2.09 -29.51 0.03
N LYS A 127 2.31 -29.43 -1.28
CA LYS A 127 2.13 -30.57 -2.16
C LYS A 127 3.01 -30.42 -3.39
N GLY A 128 3.63 -31.53 -3.80
CA GLY A 128 4.42 -31.56 -5.01
C GLY A 128 3.56 -31.78 -6.24
N PRO A 129 4.00 -31.25 -7.38
CA PRO A 129 3.17 -31.29 -8.58
C PRO A 129 3.23 -32.62 -9.31
N SER A 130 2.10 -32.97 -9.92
CA SER A 130 2.06 -34.06 -10.89
C SER A 130 2.35 -33.47 -12.27
N VAL A 131 3.34 -34.04 -12.95
CA VAL A 131 3.80 -33.54 -14.24
C VAL A 131 3.28 -34.48 -15.32
N PHE A 132 2.48 -33.94 -16.24
CA PHE A 132 1.91 -34.70 -17.33
C PHE A 132 2.40 -34.17 -18.67
N PRO A 133 2.69 -35.04 -19.63
CA PRO A 133 3.23 -34.58 -20.91
C PRO A 133 2.12 -34.15 -21.87
N LEU A 134 2.41 -33.10 -22.63
CA LEU A 134 1.53 -32.60 -23.68
C LEU A 134 2.16 -32.99 -25.01
N ALA A 135 1.73 -34.13 -25.56
CA ALA A 135 2.35 -34.74 -26.73
C ALA A 135 2.03 -33.95 -28.00
N PRO A 136 2.97 -33.90 -28.94
CA PRO A 136 2.72 -33.17 -30.18
C PRO A 136 1.71 -33.88 -31.07
N SER A 137 0.93 -33.09 -31.79
CA SER A 137 -0.07 -33.64 -32.69
C SER A 137 0.57 -34.35 -33.86
N SER A 138 -0.13 -35.36 -34.39
CA SER A 138 0.30 -36.05 -35.60
C SER A 138 -0.14 -35.35 -36.87
N LYS A 139 -0.93 -34.28 -36.75
CA LYS A 139 -1.36 -33.49 -37.90
C LYS A 139 -0.34 -32.43 -38.30
N SER A 140 0.88 -32.49 -37.74
CA SER A 140 1.93 -31.54 -38.08
C SER A 140 2.62 -31.97 -39.36
N THR A 141 2.68 -31.06 -40.33
CA THR A 141 3.37 -31.31 -41.60
C THR A 141 4.83 -31.61 -41.31
N GLY A 144 4.84 -27.29 -40.49
CA GLY A 144 6.29 -27.34 -40.48
C GLY A 144 6.87 -27.27 -39.08
N THR A 145 6.10 -26.69 -38.16
CA THR A 145 6.48 -26.57 -36.77
C THR A 145 5.34 -27.08 -35.91
N ALA A 146 5.67 -27.92 -34.93
CA ALA A 146 4.71 -28.49 -34.00
C ALA A 146 4.96 -27.94 -32.60
N ALA A 147 4.07 -28.28 -31.68
CA ALA A 147 4.14 -27.79 -30.31
C ALA A 147 4.00 -28.95 -29.33
N LEU A 148 4.74 -28.86 -28.22
CA LEU A 148 4.71 -29.87 -27.17
C LEU A 148 5.07 -29.20 -25.85
N GLY A 149 4.66 -29.84 -24.76
CA GLY A 149 4.95 -29.27 -23.45
C GLY A 149 4.62 -30.23 -22.32
N CYS A 150 4.65 -29.68 -21.11
CA CYS A 150 4.34 -30.41 -19.89
C CYS A 150 3.22 -29.69 -19.13
N LEU A 151 2.53 -30.46 -18.28
CA LEU A 151 1.44 -29.94 -17.46
C LEU A 151 1.83 -30.10 -15.99
N VAL A 152 2.18 -29.00 -15.35
CA VAL A 152 2.53 -28.99 -13.93
C VAL A 152 1.24 -28.67 -13.18
N LYS A 153 0.61 -29.70 -12.61
CA LYS A 153 -0.73 -29.59 -12.07
C LYS A 153 -0.77 -30.03 -10.61
N ASP A 154 -1.56 -29.31 -9.82
CA ASP A 154 -1.88 -29.64 -8.44
C ASP A 154 -0.65 -29.57 -7.53
N TYR A 155 -0.15 -28.36 -7.28
CA TYR A 155 0.97 -28.14 -6.37
C TYR A 155 0.68 -26.92 -5.51
N PHE A 156 1.41 -26.83 -4.39
CA PHE A 156 1.27 -25.73 -3.44
C PHE A 156 2.44 -25.73 -2.47
N PRO A 157 3.01 -24.57 -2.14
CA PRO A 157 2.62 -23.26 -2.68
C PRO A 157 3.48 -22.86 -3.89
N GLU A 158 3.36 -21.60 -4.30
CA GLU A 158 4.22 -21.08 -5.34
C GLU A 158 5.65 -20.97 -4.82
N PRO A 159 6.65 -21.01 -5.72
CA PRO A 159 6.51 -21.26 -7.14
C PRO A 159 7.15 -22.57 -7.59
N VAL A 160 7.19 -22.76 -8.90
CA VAL A 160 7.92 -23.87 -9.53
C VAL A 160 8.78 -23.29 -10.64
N THR A 161 9.90 -23.96 -10.91
CA THR A 161 10.78 -23.58 -12.01
C THR A 161 10.82 -24.71 -13.03
N VAL A 162 10.81 -24.35 -14.31
CA VAL A 162 10.73 -25.31 -15.41
C VAL A 162 11.76 -24.94 -16.47
N SER A 163 12.57 -25.91 -16.85
CA SER A 163 13.52 -25.77 -17.95
C SER A 163 13.40 -26.98 -18.87
N TRP A 164 13.92 -26.84 -20.08
CA TRP A 164 13.82 -27.87 -21.11
C TRP A 164 15.22 -28.34 -21.49
N ASN A 165 15.42 -29.65 -21.51
CA ASN A 165 16.72 -30.26 -21.80
C ASN A 165 17.80 -29.70 -20.87
N SER A 166 17.39 -29.31 -19.65
CA SER A 166 18.28 -28.76 -18.64
C SER A 166 19.01 -27.52 -19.15
N GLY A 167 18.29 -26.67 -19.89
CA GLY A 167 18.81 -25.40 -20.32
C GLY A 167 19.33 -25.37 -21.74
N ALA A 168 19.48 -26.52 -22.39
CA ALA A 168 19.95 -26.52 -23.77
C ALA A 168 18.91 -25.95 -24.72
N LEU A 169 17.63 -26.11 -24.40
CA LEU A 169 16.55 -25.60 -25.22
C LEU A 169 15.93 -24.38 -24.54
N THR A 170 15.98 -23.24 -25.22
CA THR A 170 15.44 -22.01 -24.67
C THR A 170 14.57 -21.30 -25.71
N SER A 171 14.94 -21.43 -26.98
CA SER A 171 14.21 -20.74 -28.04
C SER A 171 12.83 -21.33 -28.21
N GLY A 172 11.84 -20.46 -28.42
CA GLY A 172 10.47 -20.90 -28.63
C GLY A 172 9.82 -21.53 -27.41
N VAL A 173 10.33 -21.26 -26.22
CA VAL A 173 9.79 -21.83 -24.98
C VAL A 173 8.92 -20.78 -24.31
N HIS A 174 7.75 -21.20 -23.83
CA HIS A 174 6.83 -20.33 -23.13
C HIS A 174 6.32 -21.05 -21.89
N THR A 175 6.61 -20.49 -20.71
CA THR A 175 6.10 -20.99 -19.45
C THR A 175 5.06 -20.00 -18.92
N PHE A 176 3.82 -20.48 -18.73
CA PHE A 176 2.75 -19.58 -18.36
C PHE A 176 2.67 -19.41 -16.84
N PRO A 177 2.30 -18.22 -16.37
CA PRO A 177 2.05 -18.05 -14.94
C PRO A 177 0.94 -18.97 -14.47
N ALA A 178 1.11 -19.52 -13.27
CA ALA A 178 0.19 -20.51 -12.76
C ALA A 178 -1.19 -19.89 -12.49
N VAL A 179 -2.18 -20.77 -12.33
CA VAL A 179 -3.53 -20.37 -11.96
C VAL A 179 -3.93 -21.16 -10.72
N LEU A 180 -4.70 -20.52 -9.85
CA LEU A 180 -5.14 -21.13 -8.60
C LEU A 180 -6.49 -21.81 -8.84
N GLN A 181 -6.49 -23.14 -8.80
CA GLN A 181 -7.73 -23.90 -8.95
C GLN A 181 -8.62 -23.72 -7.72
N SER A 182 -9.90 -24.08 -7.89
CA SER A 182 -10.84 -24.00 -6.79
C SER A 182 -10.49 -24.96 -5.66
N SER A 183 -9.63 -25.95 -5.91
CA SER A 183 -9.16 -26.87 -4.90
C SER A 183 -8.05 -26.28 -4.04
N GLY A 184 -7.63 -25.04 -4.31
CA GLY A 184 -6.55 -24.42 -3.57
C GLY A 184 -5.17 -24.70 -4.11
N LEU A 185 -5.04 -25.58 -5.10
CA LEU A 185 -3.77 -25.95 -5.69
C LEU A 185 -3.54 -25.20 -6.99
N TYR A 186 -2.27 -25.05 -7.35
CA TYR A 186 -1.89 -24.34 -8.56
C TYR A 186 -1.66 -25.32 -9.71
N SER A 187 -1.89 -24.84 -10.92
CA SER A 187 -1.67 -25.63 -12.13
C SER A 187 -0.98 -24.75 -13.17
N LEU A 188 0.04 -25.32 -13.81
CA LEU A 188 0.89 -24.58 -14.73
C LEU A 188 1.20 -25.46 -15.94
N SER A 189 1.39 -24.81 -17.08
CA SER A 189 1.71 -25.49 -18.33
C SER A 189 2.83 -24.75 -19.02
N SER A 190 3.87 -25.48 -19.43
CA SER A 190 4.99 -24.93 -20.17
C SER A 190 5.13 -25.68 -21.48
N VAL A 191 5.25 -24.93 -22.58
CA VAL A 191 5.24 -25.50 -23.93
C VAL A 191 6.46 -24.99 -24.69
N VAL A 192 6.69 -25.59 -25.85
CA VAL A 192 7.79 -25.20 -26.73
C VAL A 192 7.44 -25.61 -28.15
N THR A 193 7.69 -24.72 -29.10
CA THR A 193 7.42 -24.97 -30.51
C THR A 193 8.73 -25.31 -31.22
N VAL A 194 8.78 -26.50 -31.81
CA VAL A 194 9.99 -27.00 -32.48
C VAL A 194 9.59 -27.37 -33.90
N PRO A 195 10.56 -27.46 -34.81
CA PRO A 195 10.23 -27.88 -36.18
C PRO A 195 9.69 -29.30 -36.22
N SER A 196 8.71 -29.53 -37.11
CA SER A 196 8.04 -30.81 -37.17
C SER A 196 9.00 -31.94 -37.54
N SER A 197 10.07 -31.64 -38.27
CA SER A 197 11.00 -32.67 -38.71
C SER A 197 11.75 -33.29 -37.54
N SER A 198 12.09 -32.48 -36.54
CA SER A 198 12.92 -32.94 -35.43
C SER A 198 12.17 -33.80 -34.42
N LEU A 199 10.89 -34.10 -34.67
CA LEU A 199 10.12 -34.86 -33.68
C LEU A 199 10.63 -36.29 -33.53
N GLY A 200 11.13 -36.90 -34.60
CA GLY A 200 11.64 -38.25 -34.52
C GLY A 200 13.10 -38.38 -34.19
N THR A 201 13.87 -37.29 -34.28
CA THR A 201 15.31 -37.33 -34.09
C THR A 201 15.78 -36.36 -33.00
N GLN A 202 14.88 -35.91 -32.15
CA GLN A 202 15.25 -35.03 -31.04
C GLN A 202 14.29 -35.31 -29.89
N THR A 203 14.83 -35.49 -28.69
CA THR A 203 14.02 -35.75 -27.51
C THR A 203 13.86 -34.48 -26.69
N TYR A 204 12.74 -34.40 -26.00
CA TYR A 204 12.37 -33.19 -25.26
C TYR A 204 11.93 -33.58 -23.86
N ILE A 205 12.66 -33.10 -22.85
CA ILE A 205 12.42 -33.42 -21.45
C ILE A 205 12.25 -32.12 -20.70
N CYS A 206 11.13 -31.99 -19.97
CA CYS A 206 10.90 -30.81 -19.14
C CYS A 206 11.43 -31.06 -17.73
N ASN A 207 12.08 -30.03 -17.17
CA ASN A 207 12.71 -30.11 -15.86
C ASN A 207 11.87 -29.30 -14.88
N VAL A 208 11.04 -29.99 -14.10
CA VAL A 208 10.17 -29.34 -13.12
C VAL A 208 10.79 -29.50 -11.74
N ASN A 209 11.05 -28.39 -11.07
CA ASN A 209 11.64 -28.37 -9.74
C ASN A 209 10.79 -27.53 -8.81
N HIS A 210 10.42 -28.09 -7.67
CA HIS A 210 9.56 -27.43 -6.69
C HIS A 210 10.27 -27.47 -5.34
N LYS A 211 10.88 -26.34 -4.97
CA LYS A 211 11.71 -26.27 -3.76
C LYS A 211 10.92 -26.43 -2.46
N PRO A 212 9.75 -25.80 -2.29
CA PRO A 212 9.02 -25.97 -1.01
C PRO A 212 8.73 -27.42 -0.66
N SER A 213 8.63 -28.31 -1.64
CA SER A 213 8.39 -29.72 -1.39
C SER A 213 9.59 -30.60 -1.71
N ASN A 214 10.70 -30.01 -2.16
CA ASN A 214 11.90 -30.75 -2.57
C ASN A 214 11.56 -31.79 -3.63
N THR A 215 10.83 -31.36 -4.65
CA THR A 215 10.39 -32.22 -5.73
C THR A 215 11.16 -31.90 -7.00
N LYS A 216 11.78 -32.92 -7.59
CA LYS A 216 12.51 -32.79 -8.85
C LYS A 216 11.96 -33.85 -9.79
N VAL A 217 10.97 -33.45 -10.60
CA VAL A 217 10.34 -34.34 -11.57
C VAL A 217 10.75 -33.91 -12.97
N ASP A 218 11.42 -34.80 -13.68
CA ASP A 218 11.66 -34.64 -15.10
C ASP A 218 10.72 -35.59 -15.85
N LYS A 219 10.18 -35.12 -16.98
CA LYS A 219 9.24 -35.92 -17.75
C LYS A 219 9.55 -35.81 -19.23
N LYS A 220 9.58 -36.95 -19.91
CA LYS A 220 9.83 -37.02 -21.35
C LYS A 220 8.52 -36.85 -22.11
N VAL A 221 8.51 -35.96 -23.09
CA VAL A 221 7.36 -35.76 -23.97
C VAL A 221 7.64 -36.49 -25.27
N GLU A 222 6.79 -37.46 -25.60
CA GLU A 222 6.96 -38.29 -26.77
C GLU A 222 5.82 -38.08 -27.75
N PRO A 223 6.08 -38.14 -29.07
CA PRO A 223 5.00 -38.00 -30.05
C PRO A 223 3.92 -39.06 -29.86
N LYS A 224 2.68 -38.66 -30.17
CA LYS A 224 1.53 -39.56 -29.99
C LYS A 224 1.68 -40.81 -30.83
N SER A 225 1.53 -41.98 -30.21
CA SER A 225 1.71 -43.23 -30.91
C SER A 225 0.52 -44.15 -30.66
N CYS A 226 -0.02 -44.69 -31.74
CA CYS A 226 -1.21 -45.54 -31.68
C CYS A 226 -0.84 -47.02 -31.80
N GLU B 1 -18.65 7.05 -3.88
CA GLU B 1 -17.29 6.82 -4.37
C GLU B 1 -17.09 7.43 -5.75
N ILE B 2 -15.90 7.97 -5.97
CA ILE B 2 -15.53 8.55 -7.26
C ILE B 2 -14.97 7.43 -8.13
N VAL B 3 -15.60 7.18 -9.27
CA VAL B 3 -15.19 6.14 -10.19
C VAL B 3 -14.11 6.69 -11.11
N LEU B 4 -13.04 5.91 -11.31
CA LEU B 4 -11.91 6.30 -12.12
C LEU B 4 -11.77 5.31 -13.28
N THR B 5 -11.70 5.84 -14.50
CA THR B 5 -11.60 5.02 -15.70
C THR B 5 -10.50 5.55 -16.60
N GLN B 6 -9.79 4.64 -17.25
CA GLN B 6 -8.71 4.98 -18.18
C GLN B 6 -9.01 4.40 -19.56
N SER B 7 -8.43 5.04 -20.58
CA SER B 7 -8.53 4.57 -21.94
C SER B 7 -7.25 4.97 -22.67
N PRO B 8 -6.73 4.10 -23.55
CA PRO B 8 -7.28 2.79 -23.89
C PRO B 8 -6.89 1.72 -22.89
N GLY B 9 -7.34 0.48 -23.14
CA GLY B 9 -6.93 -0.65 -22.32
C GLY B 9 -5.51 -1.05 -22.62
N THR B 10 -5.19 -1.15 -23.91
CA THR B 10 -3.83 -1.41 -24.38
C THR B 10 -3.51 -0.39 -25.46
N LEU B 11 -2.36 0.28 -25.33
CA LEU B 11 -1.92 1.28 -26.29
C LEU B 11 -0.74 0.70 -27.07
N SER B 12 -0.96 0.44 -28.35
CA SER B 12 0.06 -0.16 -29.22
C SER B 12 0.78 0.94 -29.98
N LEU B 13 2.02 1.23 -29.58
CA LEU B 13 2.82 2.28 -30.20
C LEU B 13 4.25 1.81 -30.37
N SER B 14 4.95 2.42 -31.36
CA SER B 14 6.34 2.12 -31.66
C SER B 14 7.27 3.02 -30.85
N PRO B 15 8.45 2.54 -30.47
CA PRO B 15 9.40 3.36 -29.72
C PRO B 15 9.82 4.58 -30.51
N GLY B 16 9.54 5.77 -29.96
CA GLY B 16 9.77 7.04 -30.62
C GLY B 16 8.51 7.86 -30.80
N GLU B 17 7.36 7.20 -30.91
CA GLU B 17 6.09 7.89 -31.06
C GLU B 17 5.70 8.59 -29.75
N ARG B 18 4.66 9.41 -29.83
CA ARG B 18 4.13 10.12 -28.67
C ARG B 18 2.90 9.39 -28.15
N ALA B 19 2.93 9.04 -26.86
CA ALA B 19 1.83 8.35 -26.21
C ALA B 19 0.93 9.35 -25.49
N THR B 20 -0.38 9.05 -25.48
CA THR B 20 -1.38 9.92 -24.87
C THR B 20 -2.38 9.05 -24.15
N LEU B 21 -2.36 9.08 -22.83
CA LEU B 21 -3.25 8.29 -21.99
C LEU B 21 -4.34 9.17 -21.40
N SER B 22 -5.50 8.57 -21.15
CA SER B 22 -6.65 9.28 -20.62
C SER B 22 -7.05 8.70 -19.27
N CYS B 23 -7.53 9.59 -18.39
CA CYS B 23 -8.06 9.22 -17.09
C CYS B 23 -9.31 10.05 -16.86
N ARG B 24 -10.40 9.39 -16.50
CA ARG B 24 -11.70 10.03 -16.35
C ARG B 24 -12.25 9.77 -14.95
N ALA B 25 -12.68 10.82 -14.28
CA ALA B 25 -13.28 10.73 -12.96
C ALA B 25 -14.79 10.86 -13.06
N SER B 26 -15.51 10.10 -12.24
CA SER B 26 -16.97 10.12 -12.29
C SER B 26 -17.54 11.47 -11.90
N GLN B 27 -16.82 12.22 -11.06
CA GLN B 27 -17.21 13.56 -10.69
C GLN B 27 -15.96 14.41 -10.56
N SER B 28 -16.15 15.72 -10.43
CA SER B 28 -15.03 16.64 -10.34
C SER B 28 -14.10 16.24 -9.20
N VAL B 29 -12.79 16.30 -9.45
CA VAL B 29 -11.83 15.93 -8.41
C VAL B 29 -11.99 16.88 -7.24
N SER B 30 -11.75 16.35 -6.04
CA SER B 30 -11.95 17.14 -4.83
C SER B 30 -11.00 18.34 -4.78
N ARG B 31 -9.79 18.20 -5.31
CA ARG B 31 -8.81 19.27 -5.20
C ARG B 31 -7.68 19.13 -6.20
N ASN B 32 -8.03 18.82 -7.46
CA ASN B 32 -7.04 18.63 -8.52
C ASN B 32 -5.94 17.69 -8.07
N TYR B 33 -6.33 16.65 -7.35
CA TYR B 33 -5.40 15.70 -6.74
C TYR B 33 -5.45 14.41 -7.56
N LEU B 34 -4.73 14.42 -8.68
CA LEU B 34 -4.68 13.28 -9.59
C LEU B 34 -3.23 12.87 -9.76
N ALA B 35 -2.93 11.60 -9.50
CA ALA B 35 -1.58 11.08 -9.53
C ALA B 35 -1.46 10.03 -10.63
N TRP B 36 -0.29 10.01 -11.29
CA TRP B 36 0.02 9.04 -12.34
C TRP B 36 1.15 8.13 -11.87
N TYR B 37 0.98 6.82 -12.05
CA TYR B 37 1.97 5.84 -11.60
C TYR B 37 2.34 4.92 -12.76
N GLN B 38 3.59 4.46 -12.74
CA GLN B 38 4.12 3.51 -13.72
C GLN B 38 4.52 2.22 -13.01
N GLN B 39 4.13 1.08 -13.57
CA GLN B 39 4.42 -0.21 -12.97
C GLN B 39 4.87 -1.18 -14.05
N LYS B 40 6.13 -1.59 -13.98
CA LYS B 40 6.63 -2.68 -14.81
C LYS B 40 6.24 -4.01 -14.17
N PRO B 41 6.19 -5.09 -14.94
CA PRO B 41 5.76 -6.38 -14.39
C PRO B 41 6.61 -6.82 -13.21
N GLY B 42 5.94 -7.25 -12.14
CA GLY B 42 6.63 -7.72 -10.96
C GLY B 42 7.35 -6.64 -10.18
N GLN B 43 6.97 -5.38 -10.35
CA GLN B 43 7.63 -4.28 -9.67
C GLN B 43 6.63 -3.51 -8.81
N VAL B 44 7.15 -2.55 -8.07
CA VAL B 44 6.38 -1.66 -7.22
C VAL B 44 5.97 -0.45 -8.07
N PRO B 45 4.79 0.12 -7.86
CA PRO B 45 4.43 1.35 -8.55
C PRO B 45 5.47 2.44 -8.33
N ARG B 46 5.60 3.33 -9.31
CA ARG B 46 6.53 4.45 -9.25
C ARG B 46 5.75 5.71 -9.62
N LEU B 47 5.74 6.70 -8.72
CA LEU B 47 5.00 7.92 -8.96
C LEU B 47 5.67 8.74 -10.06
N LEU B 48 4.92 9.06 -11.10
CA LEU B 48 5.38 9.88 -12.21
C LEU B 48 4.89 11.33 -12.10
N ILE B 49 3.58 11.51 -11.98
CA ILE B 49 2.96 12.82 -11.92
C ILE B 49 2.05 12.87 -10.71
N TYR B 50 2.21 13.91 -9.88
CA TYR B 50 1.33 14.15 -8.74
C TYR B 50 0.67 15.51 -8.90
N GLY B 51 -0.54 15.64 -8.34
CA GLY B 51 -1.28 16.88 -8.40
C GLY B 51 -1.47 17.41 -9.81
N ALA B 52 -2.24 16.70 -10.62
CA ALA B 52 -2.58 17.11 -11.98
C ALA B 52 -1.36 17.24 -12.88
N SER B 53 -0.64 18.37 -12.78
CA SER B 53 0.47 18.69 -13.68
C SER B 53 1.69 19.10 -12.85
N SER B 54 2.31 18.12 -12.19
CA SER B 54 3.54 18.37 -11.43
C SER B 54 4.37 17.11 -11.48
N ARG B 55 5.54 17.18 -12.12
CA ARG B 55 6.39 16.02 -12.26
C ARG B 55 7.06 15.66 -10.95
N ALA B 56 7.13 14.37 -10.66
CA ALA B 56 7.79 13.91 -9.46
C ALA B 56 9.31 14.01 -9.61
N THR B 57 10.01 13.78 -8.50
CA THR B 57 11.46 13.88 -8.49
C THR B 57 12.08 12.69 -9.24
N GLY B 58 13.05 12.98 -10.10
CA GLY B 58 13.77 11.95 -10.82
C GLY B 58 13.12 11.47 -12.10
N ILE B 59 11.95 12.00 -12.45
CA ILE B 59 11.24 11.59 -13.66
C ILE B 59 11.76 12.41 -14.83
N PRO B 60 12.02 11.79 -15.99
CA PRO B 60 12.48 12.57 -17.15
C PRO B 60 11.42 13.58 -17.59
N ASP B 61 11.89 14.63 -18.27
CA ASP B 61 11.00 15.71 -18.70
C ASP B 61 10.03 15.29 -19.78
N ARG B 62 10.21 14.11 -20.39
CA ARG B 62 9.30 13.67 -21.43
C ARG B 62 7.93 13.26 -20.89
N PHE B 63 7.79 13.13 -19.57
CA PHE B 63 6.50 12.83 -18.95
C PHE B 63 5.81 14.14 -18.56
N ARG B 64 4.54 14.27 -18.93
CA ARG B 64 3.77 15.49 -18.67
C ARG B 64 2.35 15.13 -18.28
N GLY B 65 1.73 16.00 -17.47
CA GLY B 65 0.36 15.82 -17.06
C GLY B 65 -0.46 17.07 -17.31
N SER B 66 -1.76 16.88 -17.45
CA SER B 66 -2.68 17.99 -17.69
C SER B 66 -4.07 17.56 -17.25
N GLY B 67 -5.03 18.47 -17.38
CA GLY B 67 -6.40 18.26 -16.94
C GLY B 67 -6.78 19.23 -15.85
N SER B 68 -8.03 19.09 -15.37
CA SER B 68 -8.51 19.98 -14.32
C SER B 68 -9.69 19.39 -13.55
N GLY B 69 -10.71 18.88 -14.24
CA GLY B 69 -11.93 18.50 -13.55
C GLY B 69 -12.24 17.03 -13.54
N THR B 70 -12.54 16.48 -14.71
CA THR B 70 -12.86 15.06 -14.85
C THR B 70 -12.07 14.36 -15.94
N ASP B 71 -11.47 15.10 -16.87
CA ASP B 71 -10.71 14.53 -17.97
C ASP B 71 -9.26 14.99 -17.85
N PHE B 72 -8.37 14.01 -17.67
CA PHE B 72 -6.96 14.28 -17.45
C PHE B 72 -6.14 13.47 -18.46
N THR B 73 -4.91 13.93 -18.70
CA THR B 73 -4.10 13.40 -19.77
C THR B 73 -2.66 13.21 -19.31
N LEU B 74 -2.11 12.04 -19.60
CA LEU B 74 -0.68 11.76 -19.43
C LEU B 74 -0.06 11.64 -20.80
N THR B 75 0.96 12.45 -21.07
CA THR B 75 1.56 12.55 -22.40
C THR B 75 3.05 12.27 -22.31
N ILE B 76 3.53 11.30 -23.08
CA ILE B 76 4.95 11.02 -23.22
C ILE B 76 5.37 11.47 -24.61
N ASN B 77 6.23 12.49 -24.67
CA ASN B 77 6.57 13.12 -25.94
C ASN B 77 7.27 12.14 -26.88
N ARG B 78 8.34 11.52 -26.42
CA ARG B 78 9.09 10.55 -27.22
C ARG B 78 9.19 9.26 -26.41
N LEU B 79 8.48 8.23 -26.85
CA LEU B 79 8.39 6.99 -26.11
C LEU B 79 9.71 6.25 -26.15
N GLU B 80 10.35 6.09 -24.99
CA GLU B 80 11.56 5.32 -24.87
C GLU B 80 11.23 3.86 -24.58
N SER B 81 12.23 3.00 -24.75
CA SER B 81 12.03 1.56 -24.55
C SER B 81 11.72 1.24 -23.09
N GLU B 82 12.31 1.98 -22.16
CA GLU B 82 12.06 1.75 -20.73
C GLU B 82 10.68 2.21 -20.30
N ASP B 83 9.91 2.85 -21.18
CA ASP B 83 8.61 3.38 -20.82
C ASP B 83 7.47 2.40 -21.07
N PHE B 84 7.73 1.26 -21.68
CA PHE B 84 6.67 0.31 -22.03
C PHE B 84 6.28 -0.48 -20.79
N ALA B 85 5.18 -0.08 -20.17
CA ALA B 85 4.67 -0.72 -18.97
C ALA B 85 3.20 -0.33 -18.80
N VAL B 86 2.64 -0.63 -17.64
CA VAL B 86 1.26 -0.28 -17.31
C VAL B 86 1.27 1.04 -16.55
N TYR B 87 0.23 1.85 -16.76
CA TYR B 87 0.14 3.17 -16.15
C TYR B 87 -1.22 3.32 -15.47
N TYR B 88 -1.20 3.68 -14.19
CA TYR B 88 -2.40 3.87 -13.40
C TYR B 88 -2.54 5.33 -12.98
N CYS B 89 -3.78 5.78 -12.89
CA CYS B 89 -4.08 7.09 -12.30
C CYS B 89 -4.88 6.89 -11.02
N GLN B 90 -4.79 7.90 -10.14
CA GLN B 90 -5.43 7.82 -8.83
C GLN B 90 -5.82 9.22 -8.39
N GLN B 91 -7.09 9.39 -8.02
CA GLN B 91 -7.54 10.61 -7.36
C GLN B 91 -7.47 10.41 -5.86
N TYR B 92 -7.00 11.42 -5.16
CA TYR B 92 -6.76 11.30 -3.73
C TYR B 92 -6.97 12.64 -3.03
N GLY B 93 -8.17 13.20 -3.17
CA GLY B 93 -8.46 14.47 -2.54
C GLY B 93 -9.72 14.46 -1.70
N SER B 94 -10.54 13.42 -1.83
CA SER B 94 -11.86 13.34 -1.19
C SER B 94 -11.93 12.09 -0.35
N SER B 95 -11.45 12.19 0.90
CA SER B 95 -11.58 11.11 1.88
C SER B 95 -11.12 9.78 1.30
N LEU B 96 -11.99 9.15 0.52
CA LEU B 96 -11.70 7.88 -0.11
C LEU B 96 -10.98 8.07 -1.43
N PHE B 97 -9.91 7.32 -1.64
CA PHE B 97 -9.16 7.39 -2.89
C PHE B 97 -9.57 6.22 -3.78
N THR B 98 -9.40 6.41 -5.09
CA THR B 98 -9.75 5.38 -6.06
C THR B 98 -8.73 5.36 -7.17
N PHE B 99 -8.55 4.18 -7.76
CA PHE B 99 -7.62 3.96 -8.86
C PHE B 99 -8.38 3.72 -10.16
N GLY B 100 -7.66 3.86 -11.27
CA GLY B 100 -8.17 3.49 -12.56
C GLY B 100 -7.89 2.03 -12.88
N PRO B 101 -8.38 1.56 -14.03
CA PRO B 101 -8.12 0.16 -14.41
C PRO B 101 -6.75 -0.06 -15.03
N GLY B 102 -6.02 0.99 -15.38
CA GLY B 102 -4.71 0.87 -15.96
C GLY B 102 -4.73 0.90 -17.48
N THR B 103 -3.57 1.23 -18.05
CA THR B 103 -3.38 1.27 -19.49
C THR B 103 -2.02 0.70 -19.82
N LYS B 104 -2.00 -0.42 -20.55
CA LYS B 104 -0.75 -1.07 -20.91
C LYS B 104 -0.24 -0.50 -22.23
N VAL B 105 0.99 -0.02 -22.21
CA VAL B 105 1.66 0.52 -23.39
C VAL B 105 2.69 -0.52 -23.83
N ASP B 106 2.45 -1.16 -24.97
CA ASP B 106 3.33 -2.19 -25.49
C ASP B 106 3.91 -1.74 -26.83
N ILE B 107 4.91 -2.49 -27.29
CA ILE B 107 5.58 -2.16 -28.55
C ILE B 107 4.67 -2.53 -29.72
N LYS B 108 4.58 -1.62 -30.69
CA LYS B 108 3.76 -1.86 -31.87
C LYS B 108 4.36 -2.97 -32.73
N ARG B 109 3.48 -3.76 -33.34
CA ARG B 109 3.90 -4.88 -34.17
C ARG B 109 2.82 -5.15 -35.21
N THR B 110 3.23 -5.76 -36.31
CA THR B 110 2.28 -6.15 -37.35
C THR B 110 1.39 -7.28 -36.83
N VAL B 111 0.18 -7.37 -37.41
CA VAL B 111 -0.79 -8.35 -36.98
C VAL B 111 -0.28 -9.75 -37.27
N ALA B 112 -0.31 -10.61 -36.26
CA ALA B 112 0.19 -11.97 -36.38
C ALA B 112 -0.84 -12.93 -35.79
N ALA B 113 -1.34 -13.85 -36.62
CA ALA B 113 -2.32 -14.81 -36.15
C ALA B 113 -1.63 -15.86 -35.27
N PRO B 114 -2.37 -16.44 -34.32
CA PRO B 114 -1.76 -17.42 -33.42
C PRO B 114 -1.70 -18.81 -34.04
N SER B 115 -0.66 -19.54 -33.64
CA SER B 115 -0.54 -20.96 -33.98
C SER B 115 -1.28 -21.75 -32.92
N VAL B 116 -2.37 -22.41 -33.31
CA VAL B 116 -3.29 -23.04 -32.37
C VAL B 116 -3.00 -24.54 -32.32
N PHE B 117 -2.86 -25.06 -31.11
CA PHE B 117 -2.66 -26.48 -30.86
C PHE B 117 -3.60 -26.92 -29.74
N ILE B 118 -4.00 -28.18 -29.78
CA ILE B 118 -4.85 -28.77 -28.74
C ILE B 118 -4.19 -30.05 -28.26
N PHE B 119 -4.26 -30.28 -26.95
CA PHE B 119 -3.58 -31.41 -26.32
C PHE B 119 -4.58 -32.22 -25.51
N PRO B 120 -4.85 -33.47 -25.89
CA PRO B 120 -5.73 -34.33 -25.08
C PRO B 120 -5.07 -34.65 -23.74
N PRO B 121 -5.86 -35.07 -22.75
CA PRO B 121 -5.27 -35.41 -21.45
C PRO B 121 -4.44 -36.68 -21.54
N SER B 122 -3.27 -36.65 -20.88
CA SER B 122 -2.37 -37.78 -20.90
C SER B 122 -3.02 -38.99 -20.21
N ASP B 123 -2.59 -40.19 -20.63
CA ASP B 123 -3.08 -41.41 -20.00
C ASP B 123 -2.65 -41.48 -18.54
N GLU B 124 -1.52 -40.87 -18.20
CA GLU B 124 -1.08 -40.83 -16.80
C GLU B 124 -2.04 -40.02 -15.95
N GLN B 125 -2.58 -38.92 -16.50
CA GLN B 125 -3.51 -38.11 -15.72
C GLN B 125 -4.89 -38.76 -15.64
N LEU B 126 -5.34 -39.40 -16.72
CA LEU B 126 -6.58 -40.16 -16.67
C LEU B 126 -6.53 -41.28 -15.65
N LYS B 127 -5.33 -41.75 -15.32
CA LYS B 127 -5.18 -42.69 -14.21
C LYS B 127 -5.52 -42.02 -12.88
N SER B 128 -5.37 -40.71 -12.78
CA SER B 128 -5.64 -39.95 -11.56
C SER B 128 -7.10 -39.59 -11.38
N GLY B 129 -7.98 -39.95 -12.32
CA GLY B 129 -9.37 -39.56 -12.24
C GLY B 129 -9.67 -38.14 -12.69
N THR B 130 -8.66 -37.38 -13.11
CA THR B 130 -8.83 -36.02 -13.60
C THR B 130 -8.38 -35.95 -15.04
N ALA B 131 -9.06 -35.13 -15.84
CA ALA B 131 -8.71 -34.90 -17.24
C ALA B 131 -8.51 -33.41 -17.46
N SER B 132 -7.45 -33.06 -18.18
CA SER B 132 -7.13 -31.67 -18.48
C SER B 132 -6.78 -31.55 -19.95
N VAL B 133 -7.60 -30.81 -20.70
CA VAL B 133 -7.36 -30.54 -22.12
C VAL B 133 -6.78 -29.13 -22.25
N VAL B 134 -5.69 -29.01 -22.97
CA VAL B 134 -4.95 -27.75 -23.10
C VAL B 134 -5.09 -27.23 -24.52
N CYS B 135 -5.26 -25.92 -24.64
CA CYS B 135 -5.38 -25.23 -25.93
C CYS B 135 -4.33 -24.13 -25.96
N LEU B 136 -3.35 -24.27 -26.84
CA LEU B 136 -2.24 -23.32 -26.93
C LEU B 136 -2.45 -22.36 -28.08
N LEU B 137 -2.27 -21.07 -27.81
CA LEU B 137 -2.27 -20.02 -28.82
C LEU B 137 -0.88 -19.40 -28.80
N ASN B 138 -0.09 -19.68 -29.84
CA ASN B 138 1.34 -19.42 -29.82
C ASN B 138 1.67 -18.20 -30.66
N ASN B 139 2.32 -17.22 -30.02
CA ASN B 139 2.92 -16.07 -30.71
C ASN B 139 1.93 -15.33 -31.59
N PHE B 140 1.18 -14.39 -31.01
CA PHE B 140 0.19 -13.61 -31.73
C PHE B 140 0.26 -12.16 -31.28
N TYR B 141 -0.47 -11.30 -32.00
CA TYR B 141 -0.53 -9.87 -31.70
C TYR B 141 -1.75 -9.30 -32.39
N PRO B 142 -2.53 -8.44 -31.73
CA PRO B 142 -2.34 -7.99 -30.35
C PRO B 142 -2.79 -9.03 -29.32
N ARG B 143 -2.79 -8.64 -28.04
CA ARG B 143 -3.11 -9.58 -26.98
C ARG B 143 -4.59 -9.98 -26.97
N GLU B 144 -5.46 -9.16 -27.55
CA GLU B 144 -6.89 -9.47 -27.56
C GLU B 144 -7.14 -10.78 -28.28
N ALA B 145 -7.70 -11.75 -27.56
CA ALA B 145 -8.02 -13.05 -28.14
C ALA B 145 -9.17 -13.67 -27.37
N LYS B 146 -9.84 -14.63 -28.00
CA LYS B 146 -11.00 -15.30 -27.42
C LYS B 146 -10.88 -16.80 -27.66
N VAL B 147 -11.13 -17.58 -26.61
CA VAL B 147 -11.07 -19.03 -26.67
C VAL B 147 -12.41 -19.59 -26.19
N GLN B 148 -12.98 -20.50 -26.97
CA GLN B 148 -14.26 -21.12 -26.64
C GLN B 148 -14.12 -22.63 -26.77
N TRP B 149 -14.26 -23.34 -25.66
CA TRP B 149 -14.26 -24.80 -25.68
C TRP B 149 -15.61 -25.31 -26.16
N LYS B 150 -15.60 -26.41 -26.90
CA LYS B 150 -16.82 -27.03 -27.40
C LYS B 150 -16.69 -28.54 -27.25
N VAL B 151 -17.57 -29.14 -26.45
CA VAL B 151 -17.57 -30.57 -26.20
C VAL B 151 -18.79 -31.17 -26.89
N ASP B 152 -18.56 -32.04 -27.87
CA ASP B 152 -19.61 -32.65 -28.67
C ASP B 152 -20.49 -31.58 -29.32
N ASN B 153 -19.83 -30.55 -29.88
CA ASN B 153 -20.50 -29.48 -30.62
C ASN B 153 -21.46 -28.69 -29.72
N ALA B 154 -20.99 -28.35 -28.52
CA ALA B 154 -21.75 -27.55 -27.57
C ALA B 154 -20.80 -26.62 -26.85
N LEU B 155 -21.17 -25.34 -26.80
CA LEU B 155 -20.34 -24.33 -26.16
C LEU B 155 -20.15 -24.65 -24.68
N GLN B 156 -18.89 -24.75 -24.25
CA GLN B 156 -18.56 -25.11 -22.88
C GLN B 156 -18.16 -23.88 -22.09
N SER B 157 -18.77 -23.71 -20.92
CA SER B 157 -18.44 -22.64 -19.99
C SER B 157 -18.30 -23.24 -18.60
N GLY B 158 -17.32 -22.74 -17.84
CA GLY B 158 -16.96 -23.35 -16.59
C GLY B 158 -15.90 -24.43 -16.77
N ASN B 159 -15.19 -24.71 -15.68
CA ASN B 159 -14.05 -25.63 -15.70
C ASN B 159 -13.05 -25.24 -16.79
N SER B 160 -12.70 -23.95 -16.84
CA SER B 160 -11.78 -23.45 -17.84
C SER B 160 -11.07 -22.21 -17.31
N GLN B 161 -9.76 -22.13 -17.53
CA GLN B 161 -8.94 -21.03 -17.06
C GLN B 161 -7.83 -20.74 -18.07
N GLU B 162 -7.45 -19.47 -18.16
CA GLU B 162 -6.49 -18.99 -19.15
C GLU B 162 -5.26 -18.41 -18.47
N SER B 163 -4.25 -18.14 -19.28
CA SER B 163 -3.00 -17.56 -18.81
C SER B 163 -2.25 -16.98 -20.00
N VAL B 164 -1.76 -15.75 -19.87
CA VAL B 164 -1.08 -15.05 -20.95
CA VAL B 164 -1.08 -15.05 -20.95
C VAL B 164 0.33 -14.68 -20.48
N THR B 165 1.31 -14.88 -21.36
CA THR B 165 2.68 -14.50 -21.06
C THR B 165 2.89 -13.02 -21.36
N GLU B 166 4.05 -12.51 -20.93
CA GLU B 166 4.42 -11.14 -21.26
C GLU B 166 4.82 -11.04 -22.73
N GLN B 167 4.83 -9.81 -23.24
CA GLN B 167 5.25 -9.56 -24.61
C GLN B 167 6.68 -10.04 -24.80
N ASP B 168 6.87 -11.00 -25.70
CA ASP B 168 8.19 -11.59 -25.90
C ASP B 168 9.17 -10.52 -26.35
N SER B 169 10.41 -10.62 -25.86
CA SER B 169 11.42 -9.61 -26.11
C SER B 169 12.05 -9.72 -27.50
N LYS B 170 11.67 -10.71 -28.30
CA LYS B 170 12.23 -10.89 -29.64
C LYS B 170 11.23 -10.60 -30.74
N ASP B 171 10.06 -11.25 -30.72
CA ASP B 171 9.05 -11.04 -31.75
C ASP B 171 7.86 -10.22 -31.27
N SER B 172 7.90 -9.72 -30.02
CA SER B 172 6.86 -8.83 -29.49
C SER B 172 5.47 -9.46 -29.58
N THR B 173 5.40 -10.78 -29.38
CA THR B 173 4.13 -11.50 -29.42
C THR B 173 3.78 -12.02 -28.04
N TYR B 174 2.51 -12.35 -27.88
CA TYR B 174 1.98 -12.94 -26.66
C TYR B 174 1.58 -14.39 -26.93
N SER B 175 1.41 -15.15 -25.85
CA SER B 175 0.97 -16.53 -25.95
C SER B 175 -0.03 -16.79 -24.84
N LEU B 176 -1.08 -17.55 -25.15
CA LEU B 176 -2.15 -17.85 -24.22
C LEU B 176 -2.26 -19.34 -23.99
N SER B 177 -2.69 -19.71 -22.78
CA SER B 177 -2.86 -21.12 -22.40
C SER B 177 -4.19 -21.28 -21.70
N SER B 178 -5.13 -21.95 -22.37
CA SER B 178 -6.45 -22.24 -21.82
C SER B 178 -6.53 -23.71 -21.48
N THR B 179 -6.96 -24.02 -20.25
CA THR B 179 -7.02 -25.39 -19.75
C THR B 179 -8.45 -25.72 -19.36
N LEU B 180 -9.00 -26.77 -19.97
CA LEU B 180 -10.29 -27.33 -19.58
C LEU B 180 -10.05 -28.50 -18.65
N THR B 181 -10.74 -28.52 -17.51
CA THR B 181 -10.51 -29.52 -16.47
C THR B 181 -11.83 -30.19 -16.09
N LEU B 182 -11.93 -31.49 -16.35
CA LEU B 182 -13.12 -32.26 -16.02
C LEU B 182 -12.69 -33.49 -15.22
N SER B 183 -13.69 -34.16 -14.64
CA SER B 183 -13.45 -35.46 -14.03
C SER B 183 -13.29 -36.53 -15.11
N LYS B 184 -12.64 -37.62 -14.74
CA LYS B 184 -12.49 -38.73 -15.67
C LYS B 184 -13.84 -39.25 -16.14
N ALA B 185 -14.84 -39.27 -15.25
CA ALA B 185 -16.17 -39.72 -15.64
C ALA B 185 -16.79 -38.78 -16.67
N ASP B 186 -16.73 -37.47 -16.41
CA ASP B 186 -17.28 -36.51 -17.35
C ASP B 186 -16.53 -36.54 -18.68
N TYR B 187 -15.21 -36.72 -18.63
CA TYR B 187 -14.42 -36.75 -19.86
C TYR B 187 -14.79 -37.94 -20.73
N GLU B 188 -14.94 -39.11 -20.14
CA GLU B 188 -15.24 -40.32 -20.90
C GLU B 188 -16.65 -40.36 -21.45
N LYS B 189 -17.48 -39.34 -21.16
CA LYS B 189 -18.86 -39.30 -21.64
C LYS B 189 -19.00 -38.60 -22.99
N HIS B 190 -17.90 -38.25 -23.64
CA HIS B 190 -17.98 -37.48 -24.88
C HIS B 190 -16.84 -37.89 -25.81
N LYS B 191 -16.94 -37.45 -27.06
CA LYS B 191 -16.03 -37.87 -28.11
C LYS B 191 -15.24 -36.72 -28.70
N VAL B 192 -15.88 -35.60 -29.03
CA VAL B 192 -15.24 -34.50 -29.73
C VAL B 192 -14.94 -33.38 -28.74
N TYR B 193 -13.66 -33.01 -28.64
CA TYR B 193 -13.22 -31.89 -27.82
C TYR B 193 -12.45 -30.91 -28.70
N ALA B 194 -12.86 -29.65 -28.67
CA ALA B 194 -12.24 -28.65 -29.54
C ALA B 194 -12.28 -27.29 -28.88
N CYS B 195 -11.29 -26.47 -29.21
CA CYS B 195 -11.25 -25.07 -28.78
CA CYS B 195 -11.25 -25.07 -28.78
C CYS B 195 -11.25 -24.18 -30.00
N GLU B 196 -12.20 -23.24 -30.03
CA GLU B 196 -12.37 -22.33 -31.16
C GLU B 196 -11.69 -21.00 -30.82
N VAL B 197 -10.75 -20.58 -31.65
CA VAL B 197 -9.92 -19.42 -31.42
C VAL B 197 -10.36 -18.30 -32.35
N THR B 198 -10.68 -17.14 -31.78
CA THR B 198 -11.04 -15.96 -32.54
C THR B 198 -9.98 -14.89 -32.33
N HIS B 199 -9.44 -14.35 -33.42
CA HIS B 199 -8.40 -13.35 -33.32
C HIS B 199 -8.52 -12.38 -34.49
N GLN B 200 -7.90 -11.21 -34.32
CA GLN B 200 -7.93 -10.19 -35.36
C GLN B 200 -7.22 -10.67 -36.63
N GLY B 201 -6.13 -11.43 -36.46
CA GLY B 201 -5.38 -11.97 -37.56
C GLY B 201 -5.99 -13.17 -38.25
N LEU B 202 -7.14 -13.64 -37.78
CA LEU B 202 -7.86 -14.74 -38.39
C LEU B 202 -9.12 -14.19 -39.04
N SER B 203 -9.27 -14.44 -40.35
CA SER B 203 -10.46 -14.00 -41.06
C SER B 203 -11.71 -14.74 -40.59
N SER B 204 -11.55 -15.93 -40.03
CA SER B 204 -12.64 -16.71 -39.46
C SER B 204 -12.11 -17.46 -38.26
N PRO B 205 -12.97 -17.81 -37.31
CA PRO B 205 -12.51 -18.57 -36.14
C PRO B 205 -11.88 -19.91 -36.55
N VAL B 206 -10.69 -20.16 -36.02
CA VAL B 206 -9.96 -21.40 -36.27
C VAL B 206 -10.26 -22.37 -35.14
N THR B 207 -10.59 -23.61 -35.50
CA THR B 207 -10.93 -24.65 -34.54
C THR B 207 -9.97 -25.81 -34.68
N LYS B 208 -9.40 -26.26 -33.56
CA LYS B 208 -8.57 -27.46 -33.52
C LYS B 208 -9.26 -28.48 -32.62
N SER B 209 -9.43 -29.70 -33.12
CA SER B 209 -10.22 -30.71 -32.46
C SER B 209 -9.49 -32.05 -32.45
N PHE B 210 -9.98 -32.96 -31.61
CA PHE B 210 -9.51 -34.33 -31.59
C PHE B 210 -10.66 -35.22 -31.14
N ASN B 211 -10.56 -36.50 -31.48
CA ASN B 211 -11.55 -37.49 -31.07
C ASN B 211 -10.98 -38.36 -29.96
N ARG B 212 -11.77 -38.57 -28.91
CA ARG B 212 -11.30 -39.33 -27.77
C ARG B 212 -11.27 -40.82 -28.10
N GLY B 213 -10.15 -41.48 -27.77
CA GLY B 213 -9.95 -42.87 -28.09
C GLY B 213 -9.44 -43.11 -29.50
N GLU B 214 -9.43 -42.09 -30.35
CA GLU B 214 -8.92 -42.17 -31.71
C GLU B 214 -7.70 -41.26 -31.81
N CYS B 215 -6.55 -41.83 -31.48
CA CYS B 215 -5.26 -41.13 -31.44
C CYS B 215 -4.79 -40.81 -32.86
N THR C 15 -0.29 41.98 53.21
CA THR C 15 -0.30 41.16 54.42
C THR C 15 -1.07 39.87 54.19
N ASN C 16 -1.72 39.77 53.04
CA ASN C 16 -2.55 38.63 52.68
C ASN C 16 -1.82 37.72 51.70
N LEU C 17 -1.98 36.42 51.86
CA LEU C 17 -1.25 35.46 51.06
C LEU C 17 -1.74 35.45 49.62
N CYS C 18 -0.86 35.03 48.71
CA CYS C 18 -1.21 34.95 47.30
C CYS C 18 -2.11 33.74 47.05
N PRO C 19 -3.02 33.85 46.06
CA PRO C 19 -3.98 32.76 45.80
C PRO C 19 -3.38 31.61 44.99
N PHE C 20 -2.34 30.99 45.55
CA PHE C 20 -1.74 29.82 44.90
C PHE C 20 -2.66 28.61 44.96
N GLY C 21 -3.68 28.62 45.81
CA GLY C 21 -4.62 27.52 45.84
C GLY C 21 -5.51 27.47 44.62
N GLU C 22 -5.93 28.64 44.12
CA GLU C 22 -6.77 28.69 42.93
C GLU C 22 -6.07 28.11 41.70
N VAL C 23 -4.74 27.98 41.74
CA VAL C 23 -3.98 27.50 40.59
C VAL C 23 -3.71 26.00 40.74
N PHE C 24 -2.90 25.64 41.74
CA PHE C 24 -2.51 24.24 41.92
C PHE C 24 -3.70 23.33 42.21
N ASN C 25 -4.80 23.89 42.72
CA ASN C 25 -5.95 23.09 43.14
C ASN C 25 -7.18 23.32 42.28
N ALA C 26 -7.01 23.88 41.09
CA ALA C 26 -8.14 24.10 40.19
C ALA C 26 -8.78 22.78 39.81
N THR C 27 -10.11 22.73 39.89
CA THR C 27 -10.82 21.49 39.57
C THR C 27 -10.66 21.10 38.10
N ARG C 28 -10.56 22.10 37.22
CA ARG C 28 -10.36 21.85 35.79
C ARG C 28 -9.14 22.62 35.32
N PHE C 29 -8.32 21.95 34.51
CA PHE C 29 -7.14 22.57 33.91
C PHE C 29 -7.40 22.81 32.43
N ALA C 30 -6.66 23.75 31.87
CA ALA C 30 -6.79 24.11 30.47
C ALA C 30 -5.95 23.20 29.59
N SER C 31 -6.33 23.11 28.32
CA SER C 31 -5.51 22.40 27.35
C SER C 31 -4.22 23.19 27.09
N VAL C 32 -3.16 22.47 26.74
CA VAL C 32 -1.85 23.09 26.64
C VAL C 32 -1.81 24.15 25.55
N TYR C 33 -2.56 23.96 24.46
CA TYR C 33 -2.57 24.97 23.40
C TYR C 33 -3.23 26.25 23.87
N ALA C 34 -4.28 26.13 24.68
CA ALA C 34 -4.96 27.28 25.27
C ALA C 34 -4.63 27.37 26.75
N TRP C 35 -3.34 27.49 27.07
CA TRP C 35 -2.90 27.43 28.45
C TRP C 35 -3.40 28.64 29.24
N ASN C 36 -3.82 28.38 30.47
CA ASN C 36 -4.32 29.42 31.36
C ASN C 36 -3.17 30.18 32.00
N ARG C 37 -3.39 31.47 32.25
CA ARG C 37 -2.39 32.31 32.90
C ARG C 37 -3.10 33.24 33.86
N LYS C 38 -2.72 33.16 35.14
CA LYS C 38 -3.25 34.06 36.16
C LYS C 38 -2.12 34.94 36.67
N ARG C 39 -2.39 36.25 36.76
CA ARG C 39 -1.43 37.20 37.28
C ARG C 39 -1.58 37.32 38.79
N ILE C 40 -0.44 37.34 39.48
CA ILE C 40 -0.41 37.41 40.94
C ILE C 40 0.39 38.64 41.33
N SER C 41 -0.21 39.48 42.19
CA SER C 41 0.43 40.72 42.63
C SER C 41 -0.22 41.16 43.93
N ASN C 42 0.53 41.98 44.68
CA ASN C 42 0.05 42.60 45.92
C ASN C 42 -0.36 41.56 46.95
N CYS C 43 0.56 40.64 47.25
CA CYS C 43 0.26 39.57 48.19
C CYS C 43 1.56 38.96 48.71
N VAL C 44 1.46 38.35 49.88
CA VAL C 44 2.60 37.73 50.55
C VAL C 44 2.68 36.28 50.09
N ALA C 45 3.72 35.95 49.31
CA ALA C 45 3.87 34.63 48.73
C ALA C 45 4.59 33.71 49.72
N ASP C 46 3.93 32.62 50.10
CA ASP C 46 4.50 31.63 51.00
C ASP C 46 4.87 30.41 50.17
N TYR C 47 6.11 30.40 49.67
CA TYR C 47 6.61 29.30 48.84
C TYR C 47 7.07 28.11 49.65
N SER C 48 6.99 28.17 50.98
CA SER C 48 7.56 27.12 51.83
C SER C 48 6.97 25.76 51.53
N VAL C 49 5.64 25.66 51.53
CA VAL C 49 4.98 24.37 51.38
C VAL C 49 5.14 23.80 49.98
N LEU C 50 5.40 24.64 48.98
CA LEU C 50 5.46 24.17 47.60
C LEU C 50 6.65 23.23 47.39
N TYR C 51 7.84 23.63 47.83
CA TYR C 51 9.00 22.75 47.71
C TYR C 51 8.92 21.58 48.68
N ASN C 52 8.31 21.80 49.86
CA ASN C 52 8.10 20.71 50.80
C ASN C 52 7.13 19.66 50.26
N SER C 53 6.28 20.04 49.32
CA SER C 53 5.22 19.15 48.85
C SER C 53 5.82 17.96 48.11
N ALA C 54 5.61 16.76 48.66
CA ALA C 54 6.08 15.53 48.04
C ALA C 54 5.14 15.00 46.97
N SER C 55 3.94 15.57 46.86
CA SER C 55 2.98 15.17 45.84
C SER C 55 3.32 15.71 44.46
N PHE C 56 4.38 16.49 44.34
CA PHE C 56 4.84 17.00 43.06
C PHE C 56 5.92 16.08 42.50
N SER C 57 5.76 15.66 41.25
CA SER C 57 6.71 14.76 40.61
C SER C 57 7.88 15.52 39.99
N THR C 58 7.61 16.68 39.40
CA THR C 58 8.63 17.51 38.78
C THR C 58 8.69 18.86 39.48
N PHE C 59 9.90 19.33 39.76
CA PHE C 59 10.09 20.64 40.39
C PHE C 59 11.50 21.11 40.03
N LYS C 60 11.59 21.91 38.97
CA LYS C 60 12.87 22.43 38.48
C LYS C 60 12.75 23.94 38.34
N CYS C 61 13.67 24.67 38.99
CA CYS C 61 13.71 26.11 38.93
C CYS C 61 14.92 26.56 38.11
N TYR C 62 14.75 27.64 37.36
CA TYR C 62 15.79 28.16 36.48
C TYR C 62 15.96 29.64 36.77
N GLY C 63 17.18 30.04 37.13
CA GLY C 63 17.48 31.41 37.47
C GLY C 63 17.43 31.73 38.94
N VAL C 64 16.72 30.94 39.75
CA VAL C 64 16.63 31.13 41.19
C VAL C 64 16.78 29.78 41.88
N SER C 65 17.19 29.82 43.15
CA SER C 65 17.30 28.62 43.94
C SER C 65 15.94 28.23 44.51
N PRO C 66 15.62 26.93 44.55
CA PRO C 66 14.33 26.53 45.15
C PRO C 66 14.20 26.91 46.61
N THR C 67 15.18 26.55 47.44
CA THR C 67 15.15 26.94 48.84
C THR C 67 15.20 28.46 48.99
N LYS C 68 16.27 29.07 48.50
CA LYS C 68 16.47 30.52 48.61
C LYS C 68 15.51 31.24 47.66
N LEU C 69 14.26 31.35 48.10
CA LEU C 69 13.24 32.02 47.29
C LEU C 69 12.28 32.89 48.10
N ASN C 70 11.99 32.55 49.36
CA ASN C 70 11.08 33.37 50.15
C ASN C 70 11.64 34.75 50.47
N ASP C 71 12.95 34.92 50.42
CA ASP C 71 13.57 36.23 50.65
C ASP C 71 13.81 36.95 49.34
N LEU C 72 12.75 37.10 48.55
CA LEU C 72 12.82 37.75 47.25
C LEU C 72 11.52 38.48 46.99
N CYS C 73 11.62 39.68 46.43
CA CYS C 73 10.46 40.47 46.04
C CYS C 73 10.45 40.62 44.52
N PHE C 74 9.27 40.45 43.93
CA PHE C 74 9.10 40.56 42.48
C PHE C 74 7.92 41.48 42.18
N THR C 75 7.99 42.15 41.02
CA THR C 75 6.92 43.06 40.63
C THR C 75 5.68 42.31 40.16
N ASN C 76 5.87 41.20 39.44
CA ASN C 76 4.76 40.39 38.97
C ASN C 76 5.15 38.92 39.05
N VAL C 77 4.16 38.07 39.29
CA VAL C 77 4.32 36.62 39.28
C VAL C 77 3.18 36.03 38.46
N TYR C 78 3.52 35.31 37.40
CA TYR C 78 2.54 34.71 36.51
C TYR C 78 2.49 33.21 36.75
N ALA C 79 1.28 32.68 36.89
CA ALA C 79 1.05 31.26 37.13
C ALA C 79 0.34 30.68 35.91
N ASP C 80 1.07 29.86 35.14
CA ASP C 80 0.52 29.20 33.96
C ASP C 80 0.24 27.74 34.28
N SER C 81 -0.91 27.24 33.82
CA SER C 81 -1.33 25.88 34.13
C SER C 81 -1.94 25.23 32.89
N PHE C 82 -1.63 23.95 32.69
CA PHE C 82 -2.16 23.17 31.58
C PHE C 82 -1.93 21.69 31.87
N VAL C 83 -2.24 20.84 30.90
CA VAL C 83 -2.08 19.39 31.02
C VAL C 83 -1.42 18.86 29.75
N ILE C 84 -0.43 17.98 29.91
CA ILE C 84 0.31 17.38 28.81
C ILE C 84 0.55 15.90 29.12
N ARG C 85 1.23 15.22 28.20
CA ARG C 85 1.66 13.85 28.42
C ARG C 85 2.85 13.81 29.39
N GLY C 86 3.07 12.63 29.97
CA GLY C 86 4.21 12.45 30.85
C GLY C 86 5.53 12.59 30.12
N ASP C 87 5.61 12.02 28.91
CA ASP C 87 6.83 12.14 28.11
C ASP C 87 7.10 13.57 27.67
N GLU C 88 6.10 14.44 27.71
CA GLU C 88 6.23 15.81 27.24
C GLU C 88 6.57 16.79 28.36
N VAL C 89 6.61 16.33 29.62
CA VAL C 89 6.98 17.22 30.71
C VAL C 89 8.40 17.73 30.55
N ARG C 90 9.29 16.89 30.01
CA ARG C 90 10.68 17.29 29.79
C ARG C 90 10.80 18.45 28.81
N GLN C 91 9.74 18.77 28.06
CA GLN C 91 9.77 19.89 27.12
C GLN C 91 9.47 21.23 27.78
N ILE C 92 8.97 21.22 29.01
CA ILE C 92 8.67 22.48 29.72
C ILE C 92 9.96 22.88 30.42
N ALA C 93 10.89 23.42 29.63
CA ALA C 93 12.19 23.86 30.11
C ALA C 93 12.81 24.76 29.06
N PRO C 94 13.72 25.64 29.45
CA PRO C 94 14.36 26.52 28.47
C PRO C 94 15.16 25.74 27.44
N GLY C 95 15.02 26.12 26.18
CA GLY C 95 15.83 25.53 25.12
C GLY C 95 15.46 24.11 24.75
N GLN C 96 14.20 23.72 24.92
CA GLN C 96 13.74 22.39 24.54
C GLN C 96 12.97 22.46 23.22
N THR C 97 12.91 21.31 22.56
CA THR C 97 12.23 21.16 21.28
C THR C 97 11.22 20.02 21.37
N GLY C 98 10.19 20.09 20.53
CA GLY C 98 9.14 19.10 20.54
C GLY C 98 7.85 19.73 20.08
N ASN C 99 6.82 18.90 19.96
CA ASN C 99 5.52 19.40 19.52
C ASN C 99 4.94 20.38 20.52
N ILE C 100 5.21 20.21 21.81
CA ILE C 100 4.69 21.12 22.82
C ILE C 100 5.55 22.37 22.92
N ALA C 101 6.86 22.22 22.94
CA ALA C 101 7.73 23.38 23.09
C ALA C 101 7.75 24.25 21.84
N ASP C 102 7.50 23.66 20.67
CA ASP C 102 7.50 24.43 19.43
C ASP C 102 6.13 24.98 19.08
N TYR C 103 5.07 24.21 19.33
CA TYR C 103 3.75 24.57 18.83
C TYR C 103 2.71 24.82 19.92
N ASN C 104 3.08 24.76 21.20
CA ASN C 104 2.07 24.90 22.26
C ASN C 104 2.49 25.89 23.35
N TYR C 105 3.55 25.57 24.10
CA TYR C 105 4.01 26.42 25.21
C TYR C 105 5.54 26.46 25.18
N LYS C 106 6.09 27.65 25.00
CA LYS C 106 7.53 27.84 24.85
C LYS C 106 8.08 28.73 25.95
N LEU C 107 9.12 28.25 26.65
CA LEU C 107 9.83 29.03 27.65
C LEU C 107 11.04 29.71 27.03
N PRO C 108 11.34 30.94 27.43
CA PRO C 108 12.49 31.65 26.86
C PRO C 108 13.79 31.03 27.34
N ASP C 109 14.86 31.35 26.61
CA ASP C 109 16.18 30.84 26.99
C ASP C 109 16.65 31.44 28.31
N ASP C 110 16.23 32.66 28.62
CA ASP C 110 16.57 33.32 29.88
C ASP C 110 15.41 33.25 30.87
N PHE C 111 14.83 32.07 31.01
CA PHE C 111 13.67 31.92 31.88
C PHE C 111 14.07 32.05 33.33
N THR C 112 13.32 32.86 34.07
CA THR C 112 13.49 33.05 35.51
C THR C 112 12.21 32.58 36.17
N GLY C 113 12.20 31.34 36.65
CA GLY C 113 11.02 30.79 37.29
C GLY C 113 11.19 29.31 37.56
N CYS C 114 10.05 28.67 37.84
CA CYS C 114 10.04 27.27 38.23
C CYS C 114 8.95 26.51 37.48
N VAL C 115 9.24 25.24 37.17
CA VAL C 115 8.30 24.35 36.50
C VAL C 115 7.88 23.27 37.50
N ILE C 116 6.57 23.14 37.70
CA ILE C 116 6.01 22.20 38.67
C ILE C 116 5.02 21.29 37.94
N ALA C 117 5.10 19.99 38.21
CA ALA C 117 4.23 19.03 37.57
C ALA C 117 3.98 17.84 38.49
N TRP C 118 2.82 17.20 38.30
CA TRP C 118 2.47 16.01 39.06
C TRP C 118 1.54 15.15 38.21
N ASN C 119 1.57 13.85 38.50
CA ASN C 119 0.71 12.91 37.77
C ASN C 119 -0.74 13.13 38.17
N SER C 120 -1.61 13.26 37.15
CA SER C 120 -3.04 13.48 37.37
C SER C 120 -3.88 12.44 36.64
N ASN C 121 -3.36 11.21 36.55
CA ASN C 121 -4.09 10.16 35.85
C ASN C 121 -5.41 9.84 36.54
N ASN C 122 -5.47 9.99 37.86
CA ASN C 122 -6.67 9.73 38.63
C ASN C 122 -7.77 10.77 38.40
N LEU C 123 -7.46 11.88 37.75
CA LEU C 123 -8.41 12.98 37.57
C LEU C 123 -8.76 13.22 36.12
N ASP C 124 -7.78 13.33 35.23
CA ASP C 124 -7.99 13.79 33.87
C ASP C 124 -8.13 12.65 32.86
N SER C 125 -8.26 11.41 33.32
CA SER C 125 -8.43 10.26 32.43
C SER C 125 -9.78 9.62 32.70
N LYS C 126 -10.47 9.28 31.62
CA LYS C 126 -11.75 8.57 31.68
C LYS C 126 -11.60 7.20 31.02
N VAL C 127 -12.49 6.29 31.40
CA VAL C 127 -12.39 4.90 30.94
C VAL C 127 -12.48 4.85 29.42
N GLY C 128 -13.46 5.53 28.85
CA GLY C 128 -13.59 5.60 27.40
C GLY C 128 -12.66 6.57 26.72
N GLY C 129 -11.79 7.23 27.46
CA GLY C 129 -10.91 8.23 26.90
C GLY C 129 -11.42 9.64 27.12
N ASN C 130 -10.62 10.47 27.77
CA ASN C 130 -11.00 11.86 28.04
C ASN C 130 -10.49 12.71 26.88
N TYR C 131 -11.40 13.07 25.98
CA TYR C 131 -11.05 13.84 24.79
C TYR C 131 -11.31 15.34 24.97
N ASN C 132 -11.16 15.84 26.19
CA ASN C 132 -11.31 17.27 26.46
C ASN C 132 -9.99 18.02 26.38
N TYR C 133 -8.87 17.34 26.66
CA TYR C 133 -7.55 17.98 26.62
C TYR C 133 -6.97 17.86 25.22
N LEU C 134 -6.59 19.00 24.64
CA LEU C 134 -6.13 19.08 23.27
C LEU C 134 -4.73 19.70 23.21
N TYR C 135 -4.06 19.49 22.09
CA TYR C 135 -2.75 20.04 21.82
C TYR C 135 -2.65 20.40 20.35
N ARG C 136 -1.97 21.49 20.05
CA ARG C 136 -1.75 21.88 18.66
C ARG C 136 -0.69 20.98 18.05
N LEU C 137 -1.07 20.27 16.98
CA LEU C 137 -0.22 19.28 16.36
C LEU C 137 0.66 19.86 15.26
N PHE C 138 0.06 20.63 14.35
CA PHE C 138 0.78 21.25 13.25
C PHE C 138 0.77 22.76 13.42
N ARG C 139 1.88 23.39 13.04
CA ARG C 139 1.97 24.84 13.02
C ARG C 139 3.16 25.21 12.13
N LYS C 140 3.02 26.32 11.41
CA LYS C 140 4.00 26.66 10.39
C LYS C 140 5.35 26.99 11.00
N SER C 141 5.38 27.72 12.11
CA SER C 141 6.61 28.14 12.75
C SER C 141 6.52 27.90 14.25
N ASN C 142 7.67 27.91 14.91
CA ASN C 142 7.70 27.76 16.35
C ASN C 142 7.10 28.99 17.03
N LEU C 143 6.51 28.77 18.20
CA LEU C 143 5.94 29.86 18.99
C LEU C 143 7.06 30.68 19.64
N LYS C 144 6.77 31.96 19.82
CA LYS C 144 7.65 32.81 20.62
C LYS C 144 7.46 32.47 22.10
N PRO C 145 8.40 32.88 22.95
CA PRO C 145 8.25 32.61 24.38
C PRO C 145 6.98 33.24 24.94
N PHE C 146 6.27 32.46 25.76
CA PHE C 146 5.02 32.89 26.39
C PHE C 146 3.97 33.34 25.38
N GLU C 147 4.01 32.78 24.18
CA GLU C 147 3.01 33.05 23.16
C GLU C 147 1.88 32.03 23.26
N ARG C 148 0.69 32.43 22.81
CA ARG C 148 -0.49 31.59 22.92
C ARG C 148 -1.24 31.61 21.62
N ASP C 149 -1.55 30.43 21.07
CA ASP C 149 -2.20 30.31 19.78
C ASP C 149 -3.42 29.40 19.93
N ILE C 150 -4.60 29.94 19.69
CA ILE C 150 -5.85 29.22 19.82
C ILE C 150 -6.64 29.21 18.52
N SER C 151 -5.98 29.51 17.41
CA SER C 151 -6.65 29.49 16.12
C SER C 151 -6.94 28.05 15.70
N THR C 152 -8.12 27.83 15.13
CA THR C 152 -8.53 26.53 14.64
C THR C 152 -8.49 26.45 13.12
N GLU C 153 -7.76 27.35 12.48
CA GLU C 153 -7.69 27.39 11.02
C GLU C 153 -7.06 26.11 10.49
N ILE C 154 -7.67 25.57 9.42
CA ILE C 154 -7.23 24.29 8.88
C ILE C 154 -5.80 24.39 8.37
N TYR C 155 -4.98 23.42 8.75
CA TYR C 155 -3.55 23.46 8.44
C TYR C 155 -3.31 22.95 7.03
N GLN C 156 -2.66 23.77 6.20
CA GLN C 156 -2.35 23.42 4.83
C GLN C 156 -0.93 22.84 4.78
N ALA C 157 -0.83 21.53 4.60
CA ALA C 157 0.45 20.84 4.58
C ALA C 157 1.09 20.81 3.20
N GLY C 158 0.29 20.56 2.15
CA GLY C 158 0.81 20.54 0.79
C GLY C 158 0.85 21.92 0.18
N SER C 159 1.31 21.96 -1.08
CA SER C 159 1.40 23.24 -1.78
C SER C 159 0.01 23.78 -2.10
N THR C 160 -0.89 22.92 -2.55
CA THR C 160 -2.25 23.34 -2.87
C THR C 160 -3.06 23.53 -1.58
N PRO C 161 -3.82 24.62 -1.47
CA PRO C 161 -4.56 24.87 -0.23
C PRO C 161 -5.78 23.98 -0.07
N CYS C 162 -6.81 24.46 0.60
CA CYS C 162 -8.04 23.69 0.76
C CYS C 162 -9.23 24.60 1.04
N ASN C 163 -8.98 25.74 1.70
CA ASN C 163 -10.03 26.67 2.07
C ASN C 163 -11.11 25.99 2.91
N GLY C 164 -10.65 25.20 3.88
CA GLY C 164 -11.57 24.49 4.76
C GLY C 164 -11.98 23.13 4.23
N VAL C 165 -11.01 22.24 4.01
CA VAL C 165 -11.28 20.88 3.57
C VAL C 165 -10.42 19.92 4.38
N LYS C 166 -11.02 19.23 5.34
CA LYS C 166 -10.30 18.22 6.11
C LYS C 166 -9.96 17.03 5.23
N GLY C 167 -8.85 17.12 4.51
CA GLY C 167 -8.43 16.05 3.63
C GLY C 167 -6.93 15.82 3.65
N PHE C 168 -6.43 15.11 2.64
CA PHE C 168 -5.00 14.85 2.54
C PHE C 168 -4.22 16.16 2.43
N ASN C 169 -3.17 16.28 3.24
CA ASN C 169 -2.34 17.49 3.31
C ASN C 169 -3.15 18.72 3.67
N CYS C 170 -4.22 18.51 4.45
CA CYS C 170 -5.06 19.60 4.95
C CYS C 170 -5.86 19.09 6.15
N TYR C 171 -5.24 19.09 7.33
CA TYR C 171 -5.83 18.50 8.53
C TYR C 171 -6.10 19.57 9.59
N PHE C 172 -6.98 19.22 10.51
CA PHE C 172 -7.29 20.07 11.65
C PHE C 172 -6.03 20.25 12.50
N PRO C 173 -5.65 21.48 12.86
CA PRO C 173 -4.40 21.68 13.60
C PRO C 173 -4.45 21.18 15.03
N LEU C 174 -5.62 20.90 15.59
CA LEU C 174 -5.74 20.48 16.98
C LEU C 174 -6.07 18.99 17.06
N GLN C 175 -5.47 18.32 18.05
CA GLN C 175 -5.67 16.89 18.26
C GLN C 175 -5.88 16.62 19.74
N SER C 176 -6.63 15.57 20.05
CA SER C 176 -6.94 15.21 21.42
C SER C 176 -5.96 14.19 21.97
N TYR C 177 -5.78 14.22 23.29
CA TYR C 177 -4.94 13.23 23.96
C TYR C 177 -5.69 11.92 24.16
N GLY C 178 -6.95 11.99 24.55
CA GLY C 178 -7.73 10.80 24.82
C GLY C 178 -7.21 9.99 25.98
N PHE C 179 -7.05 10.64 27.14
CA PHE C 179 -6.47 9.99 28.30
C PHE C 179 -7.40 8.90 28.82
N GLN C 180 -6.86 7.68 28.91
CA GLN C 180 -7.46 6.52 29.55
C GLN C 180 -6.61 6.11 30.74
N PRO C 181 -7.22 5.53 31.79
CA PRO C 181 -6.45 5.20 33.00
C PRO C 181 -5.44 4.08 32.81
N THR C 182 -5.48 3.35 31.69
CA THR C 182 -4.62 2.20 31.48
C THR C 182 -3.36 2.52 30.69
N TYR C 183 -3.14 3.77 30.31
CA TYR C 183 -1.94 4.13 29.57
C TYR C 183 -0.71 4.00 30.46
N GLY C 184 0.46 3.94 29.80
CA GLY C 184 1.71 4.02 30.51
C GLY C 184 1.95 5.42 31.03
N VAL C 185 2.93 5.53 31.94
CA VAL C 185 3.20 6.81 32.60
C VAL C 185 3.54 7.89 31.57
N GLY C 186 4.13 7.49 30.44
CA GLY C 186 4.46 8.47 29.42
C GLY C 186 3.24 9.04 28.72
N TYR C 187 2.16 8.26 28.61
CA TYR C 187 0.94 8.71 27.97
C TYR C 187 -0.12 9.18 28.96
N GLN C 188 0.14 9.07 30.27
CA GLN C 188 -0.80 9.53 31.27
C GLN C 188 -0.81 11.05 31.34
N PRO C 189 -1.87 11.65 31.87
CA PRO C 189 -1.92 13.12 31.97
C PRO C 189 -1.14 13.63 33.17
N TYR C 190 -0.42 14.73 32.95
CA TYR C 190 0.32 15.42 33.99
C TYR C 190 -0.09 16.89 33.99
N ARG C 191 -0.49 17.40 35.15
CA ARG C 191 -0.82 18.81 35.31
C ARG C 191 0.45 19.59 35.59
N VAL C 192 0.62 20.71 34.89
CA VAL C 192 1.84 21.51 34.97
C VAL C 192 1.47 22.91 35.45
N VAL C 193 2.33 23.49 36.29
CA VAL C 193 2.18 24.86 36.76
C VAL C 193 3.53 25.56 36.59
N VAL C 194 3.55 26.60 35.78
CA VAL C 194 4.77 27.34 35.49
C VAL C 194 4.67 28.71 36.15
N LEU C 195 5.62 29.01 37.03
CA LEU C 195 5.66 30.28 37.76
C LEU C 195 6.77 31.14 37.17
N SER C 196 6.40 32.29 36.62
CA SER C 196 7.36 33.26 36.08
C SER C 196 7.51 34.40 37.07
N PHE C 197 8.76 34.77 37.36
CA PHE C 197 9.07 35.83 38.31
C PHE C 197 9.59 37.04 37.52
N GLU C 198 8.78 38.08 37.46
CA GLU C 198 9.07 39.27 36.67
C GLU C 198 9.54 40.40 37.57
N LEU C 199 10.60 41.08 37.14
CA LEU C 199 11.18 42.20 37.89
C LEU C 199 11.26 43.40 36.94
N LEU C 200 10.29 44.30 37.04
CA LEU C 200 10.24 45.50 36.22
C LEU C 200 10.72 46.71 37.02
N HIS C 201 10.82 47.85 36.33
CA HIS C 201 11.12 49.12 36.99
C HIS C 201 9.88 49.77 37.58
N ALA C 202 9.03 48.97 38.21
CA ALA C 202 7.80 49.39 38.85
C ALA C 202 7.83 48.95 40.32
N PRO C 203 6.99 49.53 41.17
CA PRO C 203 6.96 49.09 42.57
C PRO C 203 6.67 47.60 42.70
N ALA C 204 7.47 46.92 43.54
CA ALA C 204 7.34 45.48 43.70
C ALA C 204 6.09 45.15 44.51
N THR C 205 5.43 44.05 44.14
CA THR C 205 4.15 43.68 44.74
C THR C 205 4.09 42.28 45.33
N VAL C 206 5.00 41.37 44.97
CA VAL C 206 4.98 40.00 45.47
C VAL C 206 6.28 39.75 46.24
N CYS C 207 6.16 39.66 47.57
CA CYS C 207 7.31 39.32 48.40
C CYS C 207 7.08 38.00 49.14
#